data_4XCX
#
_entry.id   4XCX
#
_cell.length_a   166.025
_cell.length_b   166.025
_cell.length_c   74.478
_cell.angle_alpha   90.000
_cell.angle_beta   90.000
_cell.angle_gamma   120.000
#
_symmetry.space_group_name_H-M   'P 63 2 2'
#
loop_
_entity.id
_entity.type
_entity.pdbx_description
1 polymer "Small RNA 2'-O-methyltransferase"
2 non-polymer S-ADENOSYL-L-HOMOCYSTEINE
3 water water
#
_entity_poly.entity_id   1
_entity_poly.type   'polypeptide(L)'
_entity_poly.pdbx_seq_one_letter_code
;GNFEEVPRETAIQFKPPLYRQRYQFVKNLVDQHEPKKVADLGCGDTSLLRLLKVNPCIELLVGVDINEDKLRWRGDSLAP
FLGDFLKPRDLNLTITLYHGSVVERDSRLLGFDLITCIELIEHLDSGDLARFPEVVFGYLSPSMIVISTPNSEFNPLFPS
VTLRDSDHKFEWTRMEFQTWALYVANRYDYSVEFTGVGEPPAGAENVGYCTQIGIFRKNGGKATESCLSEQHDQHVYKAV
FTTSYPSLQ
;
_entity_poly.pdbx_strand_id   A
#
# COMPACT_ATOMS: atom_id res chain seq x y z
N GLN A 13 -2.19 24.23 -4.27
CA GLN A 13 -1.75 24.41 -2.88
C GLN A 13 -0.50 23.58 -2.55
N PHE A 14 -0.32 22.40 -3.21
CA PHE A 14 0.85 21.51 -3.03
C PHE A 14 1.53 21.40 -4.38
N LYS A 15 2.81 21.87 -4.51
CA LYS A 15 3.56 21.92 -5.79
C LYS A 15 3.33 20.63 -6.57
N PRO A 16 3.85 19.45 -6.16
CA PRO A 16 3.40 18.22 -6.81
C PRO A 16 2.09 17.82 -6.08
N PRO A 17 1.09 17.22 -6.75
CA PRO A 17 -0.16 16.88 -6.02
C PRO A 17 0.08 15.99 -4.80
N LEU A 18 -0.82 16.08 -3.82
CA LEU A 18 -0.65 15.33 -2.56
C LEU A 18 -0.69 13.81 -2.78
N TYR A 19 -1.55 13.30 -3.68
CA TYR A 19 -1.61 11.86 -3.97
C TYR A 19 -0.27 11.33 -4.49
N ARG A 20 0.42 12.14 -5.31
CA ARG A 20 1.70 11.79 -5.88
C ARG A 20 2.78 11.84 -4.80
N GLN A 21 2.67 12.78 -3.84
CA GLN A 21 3.63 12.83 -2.73
C GLN A 21 3.51 11.57 -1.90
N ARG A 22 2.26 11.07 -1.73
CA ARG A 22 2.03 9.81 -1.01
C ARG A 22 2.70 8.65 -1.77
N TYR A 23 2.59 8.62 -3.10
CA TYR A 23 3.22 7.59 -3.91
C TYR A 23 4.75 7.67 -3.85
N GLN A 24 5.30 8.88 -3.95
CA GLN A 24 6.75 9.07 -3.92
C GLN A 24 7.30 8.70 -2.53
N PHE A 25 6.50 8.89 -1.46
CA PHE A 25 6.91 8.50 -0.11
C PHE A 25 7.16 6.98 -0.07
N VAL A 26 6.26 6.19 -0.69
CA VAL A 26 6.38 4.73 -0.70
C VAL A 26 7.54 4.34 -1.61
N LYS A 27 7.69 5.00 -2.77
CA LYS A 27 8.81 4.73 -3.69
C LYS A 27 10.15 4.91 -2.96
N ASN A 28 10.26 5.97 -2.14
CA ASN A 28 11.50 6.24 -1.41
C ASN A 28 11.79 5.14 -0.40
N LEU A 29 10.76 4.58 0.25
CA LEU A 29 10.93 3.45 1.17
C LEU A 29 11.44 2.26 0.38
N VAL A 30 10.83 2.02 -0.79
CA VAL A 30 11.21 0.92 -1.67
C VAL A 30 12.67 1.10 -2.09
N ASP A 31 13.08 2.31 -2.46
CA ASP A 31 14.47 2.58 -2.84
C ASP A 31 15.43 2.34 -1.69
N GLN A 32 15.02 2.71 -0.48
CA GLN A 32 15.84 2.56 0.73
C GLN A 32 15.93 1.11 1.23
N HIS A 33 14.82 0.33 1.19
CA HIS A 33 14.77 -1.04 1.71
C HIS A 33 14.78 -2.18 0.66
N GLU A 34 14.52 -1.87 -0.62
CA GLU A 34 14.50 -2.85 -1.74
C GLU A 34 13.64 -4.12 -1.46
N PRO A 35 12.34 -3.98 -1.15
CA PRO A 35 11.50 -5.16 -0.93
C PRO A 35 11.32 -5.97 -2.21
N LYS A 36 11.37 -7.30 -2.12
CA LYS A 36 11.23 -8.17 -3.30
C LYS A 36 9.76 -8.38 -3.62
N LYS A 37 8.92 -8.61 -2.60
CA LYS A 37 7.49 -8.81 -2.81
C LYS A 37 6.74 -7.61 -2.24
N VAL A 38 5.92 -6.93 -3.06
CA VAL A 38 5.17 -5.75 -2.61
C VAL A 38 3.70 -5.88 -3.00
N ALA A 39 2.78 -5.57 -2.06
CA ALA A 39 1.34 -5.60 -2.31
C ALA A 39 0.76 -4.24 -1.95
N ASP A 40 -0.05 -3.64 -2.84
CA ASP A 40 -0.74 -2.38 -2.58
C ASP A 40 -2.22 -2.71 -2.43
N LEU A 41 -2.73 -2.52 -1.21
CA LEU A 41 -4.14 -2.80 -0.88
C LEU A 41 -4.92 -1.49 -1.05
N GLY A 42 -5.99 -1.57 -1.83
CA GLY A 42 -6.74 -0.38 -2.23
C GLY A 42 -5.93 0.37 -3.29
N CYS A 43 -5.43 -0.36 -4.31
CA CYS A 43 -4.55 0.19 -5.34
C CYS A 43 -5.25 1.16 -6.29
N GLY A 44 -6.58 1.09 -6.38
CA GLY A 44 -7.38 1.99 -7.20
C GLY A 44 -6.94 2.02 -8.65
N ASP A 45 -6.45 3.19 -9.13
CA ASP A 45 -5.98 3.42 -10.52
C ASP A 45 -4.80 2.50 -10.94
N THR A 46 -4.03 1.93 -9.99
CA THR A 46 -2.79 1.16 -10.20
C THR A 46 -1.62 2.13 -10.41
N SER A 47 -1.83 3.45 -10.16
CA SER A 47 -0.82 4.49 -10.31
C SER A 47 0.41 4.22 -9.45
N LEU A 48 0.24 3.66 -8.22
CA LEU A 48 1.38 3.35 -7.34
C LEU A 48 2.18 2.19 -7.88
N LEU A 49 1.51 1.10 -8.27
CA LEU A 49 2.20 -0.08 -8.85
C LEU A 49 3.12 0.33 -10.01
N ARG A 50 2.63 1.26 -10.84
CA ARG A 50 3.35 1.76 -12.01
C ARG A 50 4.61 2.54 -11.65
N LEU A 51 4.62 3.16 -10.46
CA LEU A 51 5.76 3.91 -9.99
C LEU A 51 6.76 2.94 -9.38
N LEU A 52 6.29 2.01 -8.53
CA LEU A 52 7.15 1.05 -7.87
C LEU A 52 7.80 0.06 -8.83
N LYS A 53 7.15 -0.31 -9.96
CA LYS A 53 7.73 -1.27 -10.92
C LYS A 53 8.98 -0.70 -11.64
N VAL A 54 9.21 0.62 -11.53
CA VAL A 54 10.39 1.29 -12.08
C VAL A 54 11.61 0.59 -11.47
N ASN A 55 11.61 0.48 -10.12
CA ASN A 55 12.69 -0.16 -9.37
C ASN A 55 12.84 -1.65 -9.77
N PRO A 56 14.05 -2.07 -10.20
CA PRO A 56 14.24 -3.48 -10.59
C PRO A 56 14.38 -4.48 -9.42
N CYS A 57 14.33 -4.02 -8.16
CA CYS A 57 14.46 -4.89 -7.00
C CYS A 57 13.22 -5.77 -6.81
N ILE A 58 12.04 -5.30 -7.27
CA ILE A 58 10.77 -6.00 -7.06
C ILE A 58 10.68 -7.20 -7.97
N GLU A 59 10.39 -8.36 -7.39
CA GLU A 59 10.19 -9.62 -8.10
C GLU A 59 8.70 -9.97 -8.17
N LEU A 60 7.87 -9.43 -7.25
CA LEU A 60 6.43 -9.65 -7.24
C LEU A 60 5.66 -8.39 -6.83
N LEU A 61 4.93 -7.77 -7.79
CA LEU A 61 4.10 -6.59 -7.55
C LEU A 61 2.66 -7.02 -7.57
N VAL A 62 1.89 -6.68 -6.54
CA VAL A 62 0.50 -7.10 -6.46
C VAL A 62 -0.38 -5.94 -6.06
N GLY A 63 -1.62 -5.97 -6.56
CA GLY A 63 -2.65 -4.99 -6.26
C GLY A 63 -3.97 -5.65 -5.89
N VAL A 64 -4.64 -5.14 -4.84
CA VAL A 64 -5.96 -5.60 -4.41
C VAL A 64 -6.92 -4.41 -4.32
N ASP A 65 -8.19 -4.61 -4.72
CA ASP A 65 -9.22 -3.57 -4.60
C ASP A 65 -10.60 -4.21 -4.66
N ILE A 66 -11.56 -3.76 -3.81
CA ILE A 66 -12.97 -4.26 -3.80
C ILE A 66 -13.66 -3.89 -5.10
N ASN A 67 -13.26 -2.77 -5.70
CA ASN A 67 -13.88 -2.24 -6.91
C ASN A 67 -13.27 -2.86 -8.21
N GLU A 68 -13.97 -3.87 -8.75
CA GLU A 68 -13.54 -4.60 -9.95
C GLU A 68 -13.55 -3.67 -11.16
N ASP A 69 -14.49 -2.71 -11.17
CA ASP A 69 -14.63 -1.72 -12.25
C ASP A 69 -13.40 -0.83 -12.32
N LYS A 70 -12.85 -0.45 -11.17
CA LYS A 70 -11.66 0.40 -11.10
C LYS A 70 -10.40 -0.29 -11.69
N LEU A 71 -10.39 -1.63 -11.73
CA LEU A 71 -9.29 -2.41 -12.30
C LEU A 71 -9.48 -2.71 -13.82
N ARG A 72 -10.67 -2.45 -14.41
CA ARG A 72 -10.95 -2.74 -15.83
C ARG A 72 -9.97 -2.02 -16.73
N TRP A 73 -9.28 -2.77 -17.63
CA TRP A 73 -8.31 -2.26 -18.62
C TRP A 73 -7.02 -1.65 -18.04
N ARG A 74 -6.85 -1.66 -16.73
CA ARG A 74 -5.67 -1.07 -16.11
C ARG A 74 -4.54 -2.10 -15.96
N GLY A 75 -4.81 -3.36 -16.27
CA GLY A 75 -3.81 -4.41 -16.22
C GLY A 75 -3.01 -4.47 -17.50
N ASP A 76 -3.69 -4.31 -18.65
CA ASP A 76 -3.13 -4.38 -20.00
C ASP A 76 -1.75 -3.71 -20.13
N SER A 77 -1.65 -2.45 -19.72
CA SER A 77 -0.44 -1.64 -19.81
C SER A 77 0.68 -2.04 -18.82
N LEU A 78 0.37 -2.84 -17.78
CA LEU A 78 1.38 -3.34 -16.85
C LEU A 78 2.18 -4.52 -17.44
N ALA A 79 1.72 -5.14 -18.54
CA ALA A 79 2.42 -6.27 -19.16
C ALA A 79 3.70 -5.83 -19.87
N PRO A 80 4.68 -6.72 -20.07
CA PRO A 80 5.90 -6.31 -20.77
C PRO A 80 5.63 -5.84 -22.21
N PHE A 81 6.50 -4.95 -22.69
CA PHE A 81 6.44 -4.41 -24.04
C PHE A 81 7.66 -4.92 -24.81
N LEU A 82 7.73 -4.64 -26.11
CA LEU A 82 8.86 -5.09 -26.92
C LEU A 82 10.21 -4.63 -26.37
N GLY A 83 10.26 -3.45 -25.74
CA GLY A 83 11.49 -2.94 -25.16
C GLY A 83 12.01 -3.81 -24.03
N ASP A 84 11.07 -4.30 -23.20
CA ASP A 84 11.35 -5.18 -22.05
C ASP A 84 11.92 -6.54 -22.49
N PHE A 85 11.70 -6.95 -23.75
CA PHE A 85 12.26 -8.17 -24.29
C PHE A 85 13.68 -7.87 -24.80
N LEU A 86 13.86 -6.82 -25.64
CA LEU A 86 15.17 -6.45 -26.22
C LEU A 86 16.23 -6.10 -25.18
N LYS A 87 15.83 -5.33 -24.15
CA LYS A 87 16.69 -4.95 -23.02
C LYS A 87 16.02 -5.61 -21.80
N PRO A 88 16.31 -6.90 -21.54
CA PRO A 88 15.60 -7.62 -20.48
C PRO A 88 16.07 -7.39 -19.06
N ARG A 89 15.13 -7.63 -18.13
CA ARG A 89 15.29 -7.56 -16.66
C ARG A 89 16.31 -8.62 -16.22
N ASP A 90 16.88 -8.45 -15.02
CA ASP A 90 17.86 -9.40 -14.46
C ASP A 90 17.10 -10.65 -13.96
N LEU A 91 16.02 -10.41 -13.19
CA LEU A 91 15.14 -11.45 -12.65
C LEU A 91 13.68 -11.17 -13.01
N ASN A 92 12.86 -12.24 -12.97
CA ASN A 92 11.44 -12.17 -13.30
C ASN A 92 10.70 -11.17 -12.45
N LEU A 93 9.66 -10.60 -13.02
CA LEU A 93 8.75 -9.70 -12.34
C LEU A 93 7.38 -10.20 -12.68
N THR A 94 6.60 -10.55 -11.66
CA THR A 94 5.23 -10.95 -11.84
C THR A 94 4.37 -9.82 -11.33
N ILE A 95 3.35 -9.45 -12.08
CA ILE A 95 2.42 -8.41 -11.67
C ILE A 95 1.07 -9.08 -11.65
N THR A 96 0.26 -8.80 -10.60
CA THR A 96 -1.07 -9.38 -10.48
C THR A 96 -2.01 -8.42 -9.82
N LEU A 97 -3.17 -8.20 -10.46
CA LEU A 97 -4.25 -7.38 -9.95
C LEU A 97 -5.34 -8.33 -9.48
N TYR A 98 -5.80 -8.12 -8.24
CA TYR A 98 -6.82 -8.93 -7.61
C TYR A 98 -8.04 -8.14 -7.31
N HIS A 99 -9.20 -8.78 -7.41
CA HIS A 99 -10.47 -8.20 -7.02
C HIS A 99 -10.75 -8.85 -5.66
N GLY A 100 -10.61 -8.08 -4.59
CA GLY A 100 -10.82 -8.61 -3.24
C GLY A 100 -10.87 -7.55 -2.15
N SER A 101 -10.99 -8.01 -0.88
CA SER A 101 -11.06 -7.11 0.28
C SER A 101 -9.93 -7.36 1.25
N VAL A 102 -9.50 -6.31 1.94
CA VAL A 102 -8.45 -6.39 2.96
C VAL A 102 -9.00 -7.11 4.21
N VAL A 103 -10.32 -7.08 4.41
CA VAL A 103 -10.99 -7.74 5.51
C VAL A 103 -11.02 -9.27 5.32
N GLU A 104 -10.87 -9.79 4.09
CA GLU A 104 -10.83 -11.24 3.87
C GLU A 104 -9.37 -11.70 3.72
N ARG A 105 -9.05 -12.86 4.32
CA ARG A 105 -7.68 -13.38 4.32
C ARG A 105 -7.45 -14.26 3.09
N ASP A 106 -6.40 -13.93 2.30
CA ASP A 106 -6.04 -14.68 1.10
C ASP A 106 -4.55 -15.09 1.19
N SER A 107 -4.27 -16.43 1.21
CA SER A 107 -2.93 -17.02 1.39
C SER A 107 -1.91 -16.62 0.31
N ARG A 108 -2.36 -16.18 -0.89
CA ARG A 108 -1.41 -15.78 -1.93
C ARG A 108 -0.65 -14.50 -1.55
N LEU A 109 -1.11 -13.77 -0.50
CA LEU A 109 -0.44 -12.56 -0.02
C LEU A 109 0.40 -12.79 1.25
N LEU A 110 0.71 -14.05 1.60
CA LEU A 110 1.58 -14.30 2.74
C LEU A 110 3.05 -14.14 2.30
N GLY A 111 3.92 -13.90 3.29
CA GLY A 111 5.35 -13.74 3.12
C GLY A 111 5.79 -12.52 2.33
N PHE A 112 5.01 -11.41 2.35
CA PHE A 112 5.41 -10.22 1.57
C PHE A 112 6.42 -9.39 2.37
N ASP A 113 7.24 -8.63 1.66
CA ASP A 113 8.29 -7.80 2.26
C ASP A 113 7.73 -6.40 2.61
N LEU A 114 6.71 -5.93 1.85
CA LEU A 114 6.09 -4.63 2.07
C LEU A 114 4.61 -4.66 1.66
N ILE A 115 3.74 -4.15 2.52
CA ILE A 115 2.32 -4.02 2.21
C ILE A 115 2.02 -2.55 2.42
N THR A 116 1.31 -1.94 1.47
CA THR A 116 0.96 -0.52 1.54
C THR A 116 -0.55 -0.38 1.55
N CYS A 117 -1.06 0.47 2.45
CA CYS A 117 -2.47 0.80 2.58
C CYS A 117 -2.57 2.31 2.59
N ILE A 118 -2.49 2.88 1.37
CA ILE A 118 -2.48 4.31 1.17
C ILE A 118 -3.89 4.86 1.00
N GLU A 119 -4.32 5.68 1.97
CA GLU A 119 -5.61 6.37 1.95
C GLU A 119 -6.78 5.36 1.83
N LEU A 120 -6.66 4.22 2.55
CA LEU A 120 -7.65 3.14 2.54
C LEU A 120 -8.47 3.02 3.83
N ILE A 121 -7.83 3.00 5.02
CA ILE A 121 -8.55 2.74 6.28
C ILE A 121 -9.78 3.62 6.49
N GLU A 122 -9.75 4.88 6.02
CA GLU A 122 -10.91 5.79 6.14
C GLU A 122 -12.15 5.32 5.34
N HIS A 123 -11.98 4.37 4.41
CA HIS A 123 -13.09 3.81 3.65
C HIS A 123 -13.66 2.55 4.32
N LEU A 124 -13.11 2.13 5.46
CA LEU A 124 -13.59 0.94 6.16
C LEU A 124 -14.61 1.32 7.22
N ASP A 125 -15.76 0.64 7.24
CA ASP A 125 -16.76 0.85 8.30
C ASP A 125 -16.20 0.31 9.63
N SER A 126 -16.86 0.61 10.76
CA SER A 126 -16.40 0.18 12.09
C SER A 126 -16.08 -1.32 12.15
N GLY A 127 -16.99 -2.14 11.62
CA GLY A 127 -16.85 -3.60 11.60
C GLY A 127 -15.66 -4.05 10.79
N ASP A 128 -15.54 -3.52 9.57
CA ASP A 128 -14.43 -3.82 8.67
C ASP A 128 -13.11 -3.34 9.28
N LEU A 129 -13.11 -2.15 9.91
CA LEU A 129 -11.90 -1.61 10.55
C LEU A 129 -11.44 -2.48 11.72
N ALA A 130 -12.39 -3.13 12.45
CA ALA A 130 -12.06 -4.02 13.56
C ALA A 130 -11.33 -5.29 13.04
N ARG A 131 -11.61 -5.72 11.79
CA ARG A 131 -11.00 -6.92 11.21
C ARG A 131 -9.71 -6.63 10.43
N PHE A 132 -9.53 -5.40 9.90
CA PHE A 132 -8.35 -5.04 9.10
C PHE A 132 -7.03 -5.37 9.80
N PRO A 133 -6.80 -5.00 11.07
CA PRO A 133 -5.52 -5.33 11.70
C PRO A 133 -5.31 -6.84 11.88
N GLU A 134 -6.40 -7.58 12.16
CA GLU A 134 -6.32 -9.04 12.34
C GLU A 134 -5.83 -9.75 11.06
N VAL A 135 -6.05 -9.14 9.89
CA VAL A 135 -5.67 -9.72 8.60
C VAL A 135 -4.31 -9.24 8.14
N VAL A 136 -4.14 -7.93 8.00
CA VAL A 136 -2.91 -7.36 7.45
C VAL A 136 -1.74 -7.60 8.38
N PHE A 137 -1.94 -7.37 9.68
CA PHE A 137 -0.89 -7.55 10.67
C PHE A 137 -0.87 -8.97 11.19
N GLY A 138 -2.04 -9.48 11.56
CA GLY A 138 -2.15 -10.81 12.15
C GLY A 138 -1.86 -11.98 11.22
N TYR A 139 -2.64 -12.09 10.12
CA TYR A 139 -2.50 -13.22 9.18
C TYR A 139 -1.35 -13.00 8.22
N LEU A 140 -1.45 -12.01 7.31
CA LEU A 140 -0.42 -11.77 6.28
C LEU A 140 0.93 -11.56 6.91
N SER A 141 1.00 -10.64 7.88
CA SER A 141 2.20 -10.33 8.66
C SER A 141 3.44 -10.08 7.78
N PRO A 142 3.43 -9.01 6.97
CA PRO A 142 4.60 -8.71 6.13
C PRO A 142 5.73 -8.09 6.95
N SER A 143 6.93 -7.96 6.36
CA SER A 143 8.07 -7.37 7.07
C SER A 143 7.83 -5.86 7.37
N MET A 144 7.06 -5.16 6.50
CA MET A 144 6.77 -3.74 6.66
C MET A 144 5.36 -3.40 6.16
N ILE A 145 4.57 -2.66 6.94
CA ILE A 145 3.25 -2.22 6.50
C ILE A 145 3.22 -0.68 6.63
N VAL A 146 2.71 -0.01 5.60
CA VAL A 146 2.62 1.45 5.57
C VAL A 146 1.15 1.80 5.49
N ILE A 147 0.59 2.50 6.49
CA ILE A 147 -0.81 2.91 6.46
C ILE A 147 -0.84 4.44 6.46
N SER A 148 -1.55 5.04 5.51
CA SER A 148 -1.68 6.49 5.49
C SER A 148 -3.16 6.85 5.52
N THR A 149 -3.48 7.95 6.21
CA THR A 149 -4.86 8.45 6.33
C THR A 149 -4.81 9.99 6.51
N PRO A 150 -5.88 10.75 6.20
CA PRO A 150 -5.82 12.21 6.40
C PRO A 150 -5.80 12.63 7.87
N ASN A 151 -5.17 13.80 8.11
CA ASN A 151 -5.09 14.46 9.42
C ASN A 151 -6.26 15.48 9.44
N SER A 152 -7.22 15.29 10.35
CA SER A 152 -8.36 16.19 10.45
C SER A 152 -7.96 17.56 11.01
N GLU A 153 -6.79 17.68 11.67
CA GLU A 153 -6.30 18.95 12.22
C GLU A 153 -5.76 19.90 11.13
N PHE A 154 -5.62 19.41 9.89
CA PHE A 154 -5.18 20.21 8.75
C PHE A 154 -6.38 20.86 8.03
N ASN A 155 -7.60 20.27 8.18
CA ASN A 155 -8.85 20.71 7.51
C ASN A 155 -9.16 22.21 7.69
N PRO A 156 -9.00 22.84 8.88
CA PRO A 156 -9.25 24.29 8.99
C PRO A 156 -8.24 25.12 8.16
N LEU A 157 -6.99 24.61 8.01
CA LEU A 157 -5.93 25.25 7.22
C LEU A 157 -5.94 24.73 5.78
N ASP A 167 -16.34 8.86 -0.31
CA ASP A 167 -16.70 9.43 0.99
C ASP A 167 -15.93 8.74 2.14
N HIS A 168 -15.47 9.54 3.11
CA HIS A 168 -14.70 9.03 4.25
C HIS A 168 -15.65 8.64 5.39
N LYS A 169 -15.52 7.40 5.90
CA LYS A 169 -16.34 6.94 7.03
C LYS A 169 -15.90 7.66 8.34
N PHE A 170 -14.61 8.08 8.44
CA PHE A 170 -14.10 8.84 9.58
C PHE A 170 -12.96 9.81 9.18
N GLU A 171 -12.67 10.77 10.06
CA GLU A 171 -11.64 11.81 9.87
C GLU A 171 -10.84 11.89 11.18
N TRP A 172 -9.76 11.08 11.30
CA TRP A 172 -8.96 11.02 12.51
C TRP A 172 -7.93 12.14 12.64
N THR A 173 -7.63 12.51 13.88
CA THR A 173 -6.62 13.50 14.25
C THR A 173 -5.29 12.75 14.40
N ARG A 174 -4.23 13.47 14.81
CA ARG A 174 -2.93 12.86 15.01
C ARG A 174 -2.97 11.86 16.16
N MET A 175 -3.60 12.22 17.32
CA MET A 175 -3.66 11.32 18.49
C MET A 175 -4.51 10.08 18.18
N GLU A 176 -5.76 10.27 17.72
CA GLU A 176 -6.69 9.16 17.37
C GLU A 176 -5.98 8.06 16.57
N PHE A 177 -5.32 8.45 15.47
CA PHE A 177 -4.57 7.53 14.61
C PHE A 177 -3.39 6.88 15.34
N GLN A 178 -2.56 7.70 16.00
CA GLN A 178 -1.40 7.23 16.74
C GLN A 178 -1.80 6.20 17.84
N THR A 179 -2.91 6.45 18.55
CA THR A 179 -3.40 5.53 19.59
C THR A 179 -3.91 4.22 18.96
N TRP A 180 -4.64 4.28 17.83
CA TRP A 180 -5.10 3.04 17.16
C TRP A 180 -3.86 2.27 16.73
N ALA A 181 -2.94 2.98 16.05
CA ALA A 181 -1.69 2.44 15.53
C ALA A 181 -0.80 1.83 16.63
N LEU A 182 -0.63 2.52 17.78
CA LEU A 182 0.22 2.04 18.88
C LEU A 182 -0.36 0.78 19.55
N TYR A 183 -1.68 0.59 19.51
CA TYR A 183 -2.34 -0.59 20.06
C TYR A 183 -2.11 -1.78 19.11
N VAL A 184 -2.24 -1.52 17.81
CA VAL A 184 -2.01 -2.54 16.78
C VAL A 184 -0.55 -2.97 16.78
N ALA A 185 0.37 -2.00 16.75
CA ALA A 185 1.81 -2.29 16.76
C ALA A 185 2.22 -3.22 17.91
N ASN A 186 1.64 -3.01 19.08
CA ASN A 186 1.95 -3.83 20.24
C ASN A 186 1.23 -5.20 20.20
N ARG A 187 0.04 -5.26 19.58
CA ARG A 187 -0.76 -6.48 19.54
C ARG A 187 -0.14 -7.52 18.65
N TYR A 188 0.25 -7.12 17.44
CA TYR A 188 0.77 -8.02 16.41
C TYR A 188 2.30 -7.99 16.28
N ASP A 189 3.02 -7.48 17.30
CA ASP A 189 4.48 -7.46 17.38
C ASP A 189 5.17 -6.70 16.22
N TYR A 190 4.96 -5.38 16.21
CA TYR A 190 5.54 -4.42 15.28
C TYR A 190 6.04 -3.20 16.06
N SER A 191 6.71 -2.29 15.36
CA SER A 191 7.19 -1.02 15.87
C SER A 191 6.66 0.04 14.93
N VAL A 192 5.98 1.06 15.44
CA VAL A 192 5.40 2.11 14.59
C VAL A 192 6.16 3.44 14.72
N GLU A 193 6.37 4.10 13.57
CA GLU A 193 7.00 5.41 13.43
C GLU A 193 5.98 6.32 12.71
N PHE A 194 5.88 7.59 13.12
CA PHE A 194 4.92 8.52 12.53
C PHE A 194 5.60 9.63 11.73
N THR A 195 4.97 10.00 10.62
CA THR A 195 5.44 11.04 9.71
C THR A 195 4.25 11.46 8.81
N GLY A 196 4.55 12.02 7.63
CA GLY A 196 3.49 12.45 6.72
C GLY A 196 4.00 13.23 5.54
N VAL A 197 3.05 13.81 4.79
CA VAL A 197 3.29 14.65 3.61
C VAL A 197 2.27 15.79 3.58
N GLY A 198 2.70 16.97 3.14
CA GLY A 198 1.86 18.16 3.05
C GLY A 198 2.21 19.21 4.08
N GLU A 199 3.05 20.18 3.70
CA GLU A 199 3.52 21.24 4.61
C GLU A 199 2.38 22.23 4.97
N PRO A 200 2.32 22.75 6.23
CA PRO A 200 1.20 23.66 6.61
C PRO A 200 1.05 25.02 5.86
N PRO A 201 2.04 25.94 5.70
CA PRO A 201 3.45 25.91 6.07
C PRO A 201 3.74 26.61 7.40
N GLY A 203 2.42 30.32 8.04
CA GLY A 203 1.99 30.41 9.43
C GLY A 203 1.31 29.15 9.95
N ALA A 204 1.28 28.99 11.28
CA ALA A 204 0.66 27.87 12.02
C ALA A 204 1.23 26.50 11.60
N GLU A 205 2.48 26.22 11.99
CA GLU A 205 3.14 24.95 11.67
C GLU A 205 2.74 23.80 12.62
N ASN A 206 2.09 24.12 13.77
CA ASN A 206 1.66 23.13 14.78
C ASN A 206 0.51 22.19 14.31
N VAL A 207 -0.15 22.46 13.17
CA VAL A 207 -1.23 21.59 12.67
C VAL A 207 -0.69 20.20 12.27
N GLY A 208 0.55 20.14 11.76
CA GLY A 208 1.17 18.91 11.32
C GLY A 208 1.01 18.67 9.83
N TYR A 209 1.30 17.44 9.35
CA TYR A 209 1.19 17.10 7.93
C TYR A 209 -0.26 16.93 7.49
N CYS A 210 -0.52 17.09 6.18
CA CYS A 210 -1.86 16.94 5.60
C CYS A 210 -2.29 15.49 5.68
N THR A 211 -1.40 14.57 5.28
CA THR A 211 -1.62 13.13 5.33
C THR A 211 -0.78 12.55 6.45
N GLN A 212 -1.41 11.81 7.36
CA GLN A 212 -0.73 11.12 8.44
C GLN A 212 -0.21 9.81 7.89
N ILE A 213 1.04 9.45 8.23
CA ILE A 213 1.61 8.17 7.81
C ILE A 213 2.20 7.45 9.03
N GLY A 214 1.93 6.16 9.11
CA GLY A 214 2.48 5.26 10.10
C GLY A 214 3.26 4.18 9.37
N ILE A 215 4.58 4.07 9.60
CA ILE A 215 5.41 3.02 8.98
C ILE A 215 5.65 1.99 10.11
N PHE A 216 5.13 0.78 9.92
CA PHE A 216 5.21 -0.32 10.90
C PHE A 216 6.30 -1.27 10.46
N ARG A 217 7.23 -1.63 11.36
CA ARG A 217 8.32 -2.56 11.05
C ARG A 217 8.24 -3.76 12.02
N LYS A 218 8.24 -5.00 11.48
CA LYS A 218 8.12 -6.22 12.30
C LYS A 218 9.36 -6.36 13.17
N ASN A 219 9.19 -6.83 14.41
CA ASN A 219 10.31 -6.98 15.35
C ASN A 219 11.17 -8.17 14.96
N GLN A 231 -0.19 -24.56 7.29
CA GLN A 231 -0.09 -23.46 6.31
C GLN A 231 -1.10 -23.65 5.15
N HIS A 232 -2.40 -23.76 5.53
CA HIS A 232 -3.58 -23.98 4.67
C HIS A 232 -3.71 -22.99 3.52
N ASP A 233 -4.15 -23.50 2.35
CA ASP A 233 -4.39 -22.70 1.15
C ASP A 233 -5.76 -22.01 1.30
N GLN A 234 -5.81 -20.70 1.03
CA GLN A 234 -7.01 -19.88 1.16
C GLN A 234 -7.06 -18.91 0.01
N HIS A 235 -7.71 -19.30 -1.09
CA HIS A 235 -7.82 -18.48 -2.30
C HIS A 235 -9.22 -17.88 -2.38
N VAL A 236 -9.35 -16.67 -1.83
CA VAL A 236 -10.61 -15.92 -1.73
C VAL A 236 -10.75 -14.93 -2.88
N TYR A 237 -9.70 -14.13 -3.11
CA TYR A 237 -9.66 -13.08 -4.14
C TYR A 237 -9.83 -13.64 -5.55
N LYS A 238 -10.14 -12.75 -6.50
CA LYS A 238 -10.32 -13.09 -7.92
C LYS A 238 -9.23 -12.38 -8.71
N ALA A 239 -8.23 -13.15 -9.17
CA ALA A 239 -7.14 -12.58 -9.95
C ALA A 239 -7.71 -12.14 -11.29
N VAL A 240 -7.75 -10.82 -11.49
CA VAL A 240 -8.31 -10.18 -12.69
C VAL A 240 -7.29 -10.18 -13.79
N PHE A 241 -6.03 -9.98 -13.42
CA PHE A 241 -4.96 -9.89 -14.40
C PHE A 241 -3.66 -10.37 -13.79
N THR A 242 -2.93 -11.21 -14.51
CA THR A 242 -1.59 -11.64 -14.12
C THR A 242 -0.71 -11.63 -15.36
N THR A 243 0.49 -11.13 -15.21
CA THR A 243 1.50 -11.11 -16.27
C THR A 243 2.87 -11.33 -15.64
N SER A 244 3.82 -11.82 -16.43
CA SER A 244 5.18 -12.03 -15.98
C SER A 244 6.09 -11.47 -17.06
N TYR A 245 7.23 -10.93 -16.65
CA TYR A 245 8.21 -10.34 -17.56
C TYR A 245 9.30 -11.33 -17.96
N PRO A 246 9.88 -11.11 -19.16
CA PRO A 246 11.03 -11.93 -19.55
C PRO A 246 12.26 -11.45 -18.77
N SER A 247 13.20 -12.35 -18.48
CA SER A 247 14.40 -12.04 -17.69
C SER A 247 15.62 -12.83 -18.20
N LEU A 248 16.83 -12.43 -17.76
CA LEU A 248 18.09 -13.09 -18.06
C LEU A 248 19.19 -12.55 -17.13
N GLN A 249 19.83 -13.41 -16.31
CA GLN A 249 20.87 -12.99 -15.35
C GLN A 249 22.27 -13.17 -15.95
N SAH B . -3.88 4.10 -3.03
CA SAH B . -4.83 5.05 -3.59
CB SAH B . -6.11 5.30 -2.77
CG SAH B . -7.31 4.56 -3.36
SD SAH B . -8.76 5.32 -2.57
C SAH B . -4.23 6.44 -3.85
O SAH B . -3.39 6.92 -2.96
OXT SAH B . -4.56 7.03 -4.89
C5' SAH B . -9.47 3.98 -1.57
C4' SAH B . -9.45 2.68 -2.36
O4' SAH B . -9.61 1.54 -1.49
C3' SAH B . -10.53 2.57 -3.44
O3' SAH B . -9.92 2.11 -4.64
C2' SAH B . -11.51 1.56 -2.84
O2' SAH B . -12.17 0.73 -3.78
C1' SAH B . -10.57 0.67 -2.05
N9 SAH B . -11.19 -0.11 -0.97
C8 SAH B . -12.17 0.29 -0.09
N7 SAH B . -12.49 -0.62 0.79
C5 SAH B . -11.68 -1.70 0.46
C6 SAH B . -11.56 -2.99 1.00
N6 SAH B . -12.30 -3.46 2.01
N1 SAH B . -10.64 -3.82 0.44
C2 SAH B . -9.94 -3.39 -0.61
N3 SAH B . -9.98 -2.20 -1.21
C4 SAH B . -10.88 -1.40 -0.63
#